data_8RQA
#
_entry.id   8RQA
#
_cell.length_a   51.989
_cell.length_b   95.717
_cell.length_c   148.252
_cell.angle_alpha   90.000
_cell.angle_beta   90.000
_cell.angle_gamma   90.000
#
_symmetry.space_group_name_H-M   'C 2 2 21'
#
loop_
_entity.id
_entity.type
_entity.pdbx_description
1 polymer 'Protein cereblon'
2 non-polymer S-Lenalidomide
3 non-polymer 'ZINC ION'
4 water water
#
_entity_poly.entity_id   1
_entity_poly.type   'polypeptide(L)'
_entity_poly.pdbx_seq_one_letter_code
;SAKKPNIINFDTSLPTSHTYLGADMEEFHGRTLHDDDSIQVIPVLPQVMMILVPGQTLPLQLFHPQEVSMVRNLIQNDRT
FAVLAYSNVQEREAEFGTTAEIYAYREEQDFGIEIVKVKAIGRQRFKVLELRTQSDGIQQAKVQILPEGSGDAETLMDRI
KKQLREWDENLKDDSLPSNPIDFSYWVAANLPIDDSLRIQLLKIDSAIQRLRCELDIMNKCTSLCCKQCQETEITTKNEI
FSLSREGPMAAYVNPHGYVHEILTVYKACNLNLIGRPSTEHSWFPGYAWTVAQCKICASHIGWKFTATKKDMSPQKFWGL
TRSALIPTI
;
_entity_poly.pdbx_strand_id   A
#
loop_
_chem_comp.id
_chem_comp.type
_chem_comp.name
_chem_comp.formula
LVY non-polymer S-Lenalidomide 'C13 H13 N3 O3'
ZN non-polymer 'ZINC ION' 'Zn 2'
#
# COMPACT_ATOMS: atom_id res chain seq x y z
N ASP A 11 7.86 -9.18 16.12
CA ASP A 11 8.71 -8.24 15.37
C ASP A 11 7.87 -7.58 14.25
N THR A 12 8.33 -6.39 13.83
CA THR A 12 7.65 -5.55 12.86
C THR A 12 8.45 -5.36 11.59
N SER A 13 9.68 -5.84 11.52
CA SER A 13 10.35 -5.82 10.23
C SER A 13 9.72 -6.84 9.27
N LEU A 14 9.20 -7.94 9.81
CA LEU A 14 8.91 -9.09 8.98
C LEU A 14 7.75 -8.89 8.00
N PRO A 15 6.71 -8.14 8.38
CA PRO A 15 5.68 -7.84 7.38
C PRO A 15 6.27 -7.07 6.23
N THR A 16 7.13 -6.10 6.55
CA THR A 16 7.86 -5.34 5.54
C THR A 16 8.78 -6.21 4.69
N SER A 17 9.05 -7.42 5.12
CA SER A 17 9.94 -8.28 4.35
C SER A 17 9.21 -9.08 3.26
N HIS A 18 7.89 -9.17 3.32
CA HIS A 18 7.12 -9.97 2.37
C HIS A 18 7.83 -11.33 2.32
N THR A 19 8.02 -11.93 3.49
CA THR A 19 8.71 -13.23 3.64
C THR A 19 7.84 -14.32 3.04
N TYR A 20 6.51 -14.22 3.21
CA TYR A 20 5.55 -15.20 2.66
C TYR A 20 5.91 -15.47 1.19
N LEU A 21 6.39 -14.46 0.48
CA LEU A 21 6.70 -14.59 -0.96
C LEU A 21 7.92 -15.51 -1.02
N GLY A 22 9.04 -15.09 -0.42
CA GLY A 22 10.28 -15.89 -0.36
C GLY A 22 11.50 -15.00 -0.41
N ALA A 23 12.57 -15.34 0.32
CA ALA A 23 13.84 -14.58 0.26
C ALA A 23 14.33 -14.67 -1.18
N ASP A 24 14.23 -15.86 -1.80
CA ASP A 24 14.56 -16.04 -3.23
C ASP A 24 15.99 -15.56 -3.48
N MET A 25 16.22 -14.67 -4.46
CA MET A 25 17.57 -14.20 -4.85
C MET A 25 17.44 -12.83 -5.50
N GLU A 26 18.52 -12.05 -5.63
CA GLU A 26 18.57 -10.74 -6.35
C GLU A 26 18.05 -9.55 -5.52
N GLU A 27 18.93 -8.62 -5.15
CA GLU A 27 18.65 -7.36 -4.42
C GLU A 27 19.41 -6.29 -5.21
N PHE A 28 18.77 -5.18 -5.58
CA PHE A 28 19.38 -4.11 -6.41
C PHE A 28 19.54 -2.87 -5.56
N HIS A 29 20.77 -2.56 -5.13
CA HIS A 29 21.07 -1.37 -4.28
C HIS A 29 21.41 -0.17 -5.17
N GLY A 30 21.05 -0.15 -6.48
CA GLY A 30 21.29 1.00 -7.29
C GLY A 30 20.35 2.11 -6.96
N ARG A 31 20.71 3.30 -7.40
CA ARG A 31 19.83 4.40 -7.18
C ARG A 31 19.67 5.09 -8.50
N THR A 32 18.43 5.21 -8.94
CA THR A 32 18.08 5.77 -10.23
C THR A 32 17.05 6.87 -10.01
N LEU A 33 17.48 8.14 -10.19
CA LEU A 33 16.66 9.31 -9.83
C LEU A 33 16.76 10.43 -10.86
N HIS A 34 15.61 10.82 -11.40
CA HIS A 34 15.54 11.80 -12.48
C HIS A 34 15.56 13.20 -11.89
N ASP A 35 15.24 14.22 -12.70
CA ASP A 35 15.45 15.62 -12.33
C ASP A 35 14.18 16.45 -12.48
N ASP A 36 14.27 17.71 -12.13
CA ASP A 36 13.09 18.54 -11.88
C ASP A 36 12.53 19.11 -13.16
N ASP A 37 11.24 18.85 -13.38
CA ASP A 37 10.56 19.16 -14.64
C ASP A 37 11.07 18.31 -15.80
N SER A 38 11.70 17.15 -15.49
CA SER A 38 12.24 16.27 -16.52
C SER A 38 11.16 15.37 -17.07
N ILE A 39 11.11 15.26 -18.39
CA ILE A 39 10.10 14.49 -19.10
C ILE A 39 10.68 13.11 -19.34
N GLN A 40 10.06 12.08 -18.76
CA GLN A 40 10.52 10.72 -18.92
C GLN A 40 9.51 9.86 -19.69
N VAL A 41 9.98 8.65 -20.05
CA VAL A 41 9.15 7.63 -20.66
C VAL A 41 9.32 6.33 -19.89
N ILE A 42 8.22 5.86 -19.34
CA ILE A 42 8.20 4.90 -18.25
C ILE A 42 7.07 3.97 -18.67
N PRO A 43 7.30 2.67 -18.70
CA PRO A 43 6.19 1.76 -19.02
C PRO A 43 5.23 1.69 -17.86
N VAL A 44 3.95 1.55 -18.20
CA VAL A 44 2.89 1.28 -17.25
C VAL A 44 2.64 -0.22 -17.26
N LEU A 45 2.55 -0.80 -16.03
CA LEU A 45 2.12 -2.22 -15.86
C LEU A 45 0.61 -2.27 -15.87
N PRO A 46 0.00 -3.04 -16.75
CA PRO A 46 -1.41 -2.91 -17.01
C PRO A 46 -2.39 -3.32 -15.90
N GLN A 47 -1.97 -4.08 -14.92
CA GLN A 47 -2.95 -4.61 -14.00
C GLN A 47 -2.90 -3.89 -12.67
N VAL A 48 -1.86 -3.09 -12.41
CA VAL A 48 -1.71 -2.37 -11.10
C VAL A 48 -2.77 -1.26 -11.10
N MET A 49 -3.62 -1.19 -10.07
CA MET A 49 -4.63 -0.16 -9.95
C MET A 49 -4.55 0.53 -8.60
N MET A 50 -3.36 0.52 -7.99
CA MET A 50 -3.14 1.07 -6.62
C MET A 50 -2.38 2.40 -6.65
N ILE A 51 -2.91 3.45 -6.03
CA ILE A 51 -2.21 4.72 -5.83
C ILE A 51 -0.99 4.47 -4.95
N LEU A 52 0.16 4.95 -5.41
CA LEU A 52 1.47 4.81 -4.81
C LEU A 52 2.09 6.19 -4.55
N VAL A 53 3.06 6.23 -3.66
CA VAL A 53 3.53 7.44 -2.97
C VAL A 53 5.01 7.21 -2.72
N PRO A 54 5.90 8.21 -2.97
CA PRO A 54 7.32 8.05 -2.66
C PRO A 54 7.57 7.37 -1.30
N GLY A 55 8.32 6.26 -1.27
CA GLY A 55 8.63 5.51 -0.02
C GLY A 55 7.62 4.43 0.31
N GLN A 56 6.58 4.24 -0.52
CA GLN A 56 5.54 3.21 -0.30
C GLN A 56 5.94 1.94 -1.06
N THR A 57 5.99 0.78 -0.42
CA THR A 57 6.48 -0.47 -1.04
C THR A 57 5.38 -1.11 -1.90
N LEU A 58 5.80 -1.76 -2.98
CA LEU A 58 4.78 -2.45 -3.78
C LEU A 58 5.28 -3.82 -4.24
N PRO A 59 4.61 -4.94 -3.82
CA PRO A 59 5.05 -6.28 -4.26
C PRO A 59 4.16 -6.83 -5.37
N LEU A 60 4.77 -7.50 -6.34
CA LEU A 60 3.95 -8.01 -7.42
C LEU A 60 4.28 -9.41 -7.85
N GLN A 61 3.22 -10.16 -8.24
CA GLN A 61 3.36 -11.48 -8.91
C GLN A 61 2.82 -11.39 -10.35
N LEU A 62 3.74 -11.34 -11.31
CA LEU A 62 3.38 -11.28 -12.72
C LEU A 62 3.35 -12.70 -13.30
N PHE A 63 2.15 -13.14 -13.66
CA PHE A 63 1.85 -14.45 -14.21
C PHE A 63 1.77 -14.44 -15.74
N HIS A 64 1.83 -13.28 -16.41
CA HIS A 64 1.49 -13.15 -17.86
C HIS A 64 2.70 -12.92 -18.75
N PRO A 65 3.02 -13.71 -19.81
CA PRO A 65 4.26 -13.54 -20.59
C PRO A 65 4.77 -12.14 -21.01
N GLN A 66 3.91 -11.27 -21.53
CA GLN A 66 4.33 -9.89 -21.92
C GLN A 66 4.76 -9.07 -20.71
N GLU A 67 4.02 -9.16 -19.60
CA GLU A 67 4.39 -8.46 -18.35
C GLU A 67 5.71 -9.06 -17.89
N VAL A 68 5.82 -10.39 -17.96
CA VAL A 68 7.06 -11.03 -17.54
C VAL A 68 8.21 -10.70 -18.49
N SER A 69 7.95 -10.17 -19.68
CA SER A 69 9.10 -9.75 -20.54
C SER A 69 9.56 -8.35 -20.17
N MET A 70 8.63 -7.40 -20.06
CA MET A 70 8.94 -5.97 -19.77
C MET A 70 9.64 -5.85 -18.42
N VAL A 71 9.15 -6.57 -17.43
CA VAL A 71 9.76 -6.53 -16.08
C VAL A 71 11.16 -7.15 -16.15
N ARG A 72 11.35 -8.15 -17.01
CA ARG A 72 12.73 -8.71 -17.16
C ARG A 72 13.67 -7.68 -17.82
N ASN A 73 13.32 -7.14 -18.99
CA ASN A 73 14.04 -6.04 -19.65
C ASN A 73 14.13 -4.80 -18.77
N LEU A 74 13.34 -4.67 -17.69
CA LEU A 74 13.57 -3.53 -16.80
C LEU A 74 14.83 -3.72 -15.97
N ILE A 75 14.98 -4.91 -15.37
CA ILE A 75 16.16 -5.25 -14.52
C ILE A 75 17.41 -4.89 -15.32
N GLN A 76 17.40 -5.08 -16.63
CA GLN A 76 18.55 -4.73 -17.50
C GLN A 76 18.69 -3.20 -17.63
N ASN A 77 17.58 -2.44 -17.75
CA ASN A 77 17.61 -0.95 -17.91
C ASN A 77 17.65 -0.21 -16.55
N ASP A 78 16.56 0.44 -16.07
CA ASP A 78 16.55 1.33 -14.85
C ASP A 78 15.73 0.78 -13.68
N ARG A 79 14.98 -0.32 -13.82
CA ARG A 79 14.16 -0.98 -12.82
C ARG A 79 12.97 -0.12 -12.38
N THR A 80 12.63 0.86 -13.20
CA THR A 80 11.70 1.91 -12.84
C THR A 80 10.55 1.96 -13.82
N PHE A 81 9.34 1.84 -13.29
CA PHE A 81 8.14 1.97 -14.07
C PHE A 81 7.23 2.96 -13.38
N ALA A 82 6.11 3.27 -14.06
CA ALA A 82 5.18 4.29 -13.65
C ALA A 82 3.93 3.70 -13.02
N VAL A 83 3.53 4.22 -11.85
CA VAL A 83 2.29 3.79 -11.21
C VAL A 83 1.28 4.90 -11.28
N LEU A 84 0.27 4.69 -12.11
CA LEU A 84 -0.72 5.68 -12.38
C LEU A 84 -1.64 5.84 -11.20
N ALA A 85 -2.02 7.11 -10.92
CA ALA A 85 -3.02 7.41 -9.91
C ALA A 85 -4.40 7.58 -10.54
N TYR A 86 -5.04 6.47 -10.76
CA TYR A 86 -6.25 6.51 -11.57
C TYR A 86 -7.37 7.22 -10.85
N SER A 87 -8.03 8.12 -11.58
CA SER A 87 -9.25 8.76 -11.12
C SER A 87 -10.46 7.86 -11.30
N ASN A 88 -10.67 7.33 -12.52
CA ASN A 88 -11.83 6.49 -12.80
C ASN A 88 -11.53 5.00 -12.74
N VAL A 89 -10.31 4.58 -13.09
CA VAL A 89 -9.77 3.20 -13.07
C VAL A 89 -10.43 2.26 -14.08
N GLN A 90 -11.76 2.17 -14.07
CA GLN A 90 -12.48 1.47 -15.12
C GLN A 90 -12.26 2.08 -16.47
N GLU A 91 -11.63 3.26 -16.55
CA GLU A 91 -11.33 3.88 -17.84
C GLU A 91 -9.89 4.36 -17.85
N ARG A 92 -9.01 3.70 -17.10
CA ARG A 92 -7.57 4.05 -17.15
C ARG A 92 -7.41 5.57 -17.17
N GLU A 93 -8.28 6.27 -16.44
CA GLU A 93 -8.18 7.75 -16.37
C GLU A 93 -7.14 8.03 -15.30
N ALA A 94 -6.17 8.88 -15.58
CA ALA A 94 -5.14 9.26 -14.59
C ALA A 94 -4.45 10.52 -15.07
N GLU A 95 -3.93 11.33 -14.16
CA GLU A 95 -3.27 12.57 -14.47
C GLU A 95 -2.03 12.74 -13.62
N PHE A 96 -1.87 11.92 -12.55
CA PHE A 96 -0.65 11.88 -11.76
C PHE A 96 -0.27 10.45 -11.53
N GLY A 97 0.89 10.27 -10.90
CA GLY A 97 1.42 8.94 -10.64
C GLY A 97 2.76 9.09 -9.94
N THR A 98 3.38 7.95 -9.66
CA THR A 98 4.69 7.93 -9.00
C THR A 98 5.49 6.86 -9.72
N THR A 99 6.77 7.15 -9.93
CA THR A 99 7.61 6.10 -10.48
C THR A 99 7.78 5.04 -9.42
N ALA A 100 7.98 3.80 -9.87
CA ALA A 100 8.38 2.68 -9.02
C ALA A 100 9.74 2.24 -9.50
N GLU A 101 10.61 1.85 -8.57
CA GLU A 101 11.96 1.37 -8.86
C GLU A 101 12.04 0.01 -8.19
N ILE A 102 12.45 -0.96 -8.90
CA ILE A 102 12.47 -2.31 -8.34
C ILE A 102 13.69 -2.45 -7.44
N TYR A 103 13.52 -3.10 -6.29
CA TYR A 103 14.66 -3.28 -5.38
C TYR A 103 14.86 -4.71 -4.91
N ALA A 104 13.92 -5.63 -5.20
CA ALA A 104 14.12 -7.06 -5.08
C ALA A 104 13.61 -7.71 -6.37
N TYR A 105 13.63 -9.05 -6.39
CA TYR A 105 13.44 -9.73 -7.66
C TYR A 105 13.44 -11.24 -7.46
N ARG A 106 12.95 -11.95 -8.48
CA ARG A 106 12.86 -13.40 -8.43
C ARG A 106 12.35 -13.93 -9.76
N GLU A 107 12.68 -15.21 -10.04
CA GLU A 107 12.33 -15.86 -11.31
C GLU A 107 11.92 -17.31 -11.05
N GLU A 108 10.63 -17.61 -11.11
CA GLU A 108 10.08 -18.91 -10.75
C GLU A 108 9.56 -19.63 -11.99
N GLN A 109 8.96 -20.81 -11.75
CA GLN A 109 8.36 -21.60 -12.82
C GLN A 109 7.36 -22.56 -12.22
N ASP A 110 6.14 -22.54 -12.75
CA ASP A 110 5.01 -23.25 -12.19
C ASP A 110 4.18 -23.54 -13.43
N PHE A 111 4.07 -24.81 -13.81
CA PHE A 111 3.31 -25.22 -15.00
C PHE A 111 3.93 -24.75 -16.29
N GLY A 112 5.25 -24.70 -16.33
CA GLY A 112 5.94 -24.19 -17.49
C GLY A 112 5.67 -22.69 -17.72
N ILE A 113 4.84 -22.12 -16.86
CA ILE A 113 4.62 -20.68 -16.83
C ILE A 113 5.83 -20.09 -16.13
N GLU A 114 6.53 -19.19 -16.80
CA GLU A 114 7.54 -18.40 -16.10
C GLU A 114 6.88 -17.35 -15.20
N ILE A 115 7.25 -17.34 -13.92
CA ILE A 115 6.68 -16.42 -12.96
C ILE A 115 7.76 -15.42 -12.59
N VAL A 116 7.32 -14.29 -12.02
CA VAL A 116 8.23 -13.26 -11.57
C VAL A 116 7.63 -12.64 -10.33
N LYS A 117 8.40 -12.64 -9.23
CA LYS A 117 8.06 -11.97 -7.99
C LYS A 117 9.01 -10.78 -7.80
N VAL A 118 8.45 -9.57 -7.69
CA VAL A 118 9.24 -8.38 -7.41
C VAL A 118 8.71 -7.56 -6.23
N LYS A 119 9.62 -6.80 -5.65
CA LYS A 119 9.29 -5.76 -4.68
C LYS A 119 9.82 -4.46 -5.27
N ALA A 120 8.96 -3.43 -5.27
CA ALA A 120 9.30 -2.09 -5.73
C ALA A 120 8.95 -1.10 -4.64
N ILE A 121 9.36 0.14 -4.87
CA ILE A 121 9.24 1.26 -3.93
C ILE A 121 9.02 2.57 -4.70
N GLY A 122 8.12 3.41 -4.20
CA GLY A 122 7.86 4.70 -4.82
C GLY A 122 9.07 5.63 -4.68
N ARG A 123 9.33 6.40 -5.72
CA ARG A 123 10.44 7.33 -5.80
C ARG A 123 10.00 8.75 -6.07
N GLN A 124 9.38 8.96 -7.22
CA GLN A 124 9.19 10.30 -7.73
C GLN A 124 7.81 10.38 -8.28
N ARG A 125 7.18 11.51 -8.01
CA ARG A 125 5.87 11.78 -8.54
C ARG A 125 6.01 12.50 -9.86
N PHE A 126 4.90 12.62 -10.59
CA PHE A 126 4.94 13.16 -11.92
C PHE A 126 3.51 13.40 -12.37
N LYS A 127 3.37 14.31 -13.32
CA LYS A 127 2.11 14.58 -13.98
C LYS A 127 2.08 13.79 -15.29
N VAL A 128 0.92 13.24 -15.63
CA VAL A 128 0.77 12.56 -16.89
C VAL A 128 0.63 13.57 -18.02
N LEU A 129 1.66 13.67 -18.87
CA LEU A 129 1.57 14.20 -20.24
C LEU A 129 1.08 13.16 -21.27
N ASP A 136 2.94 -3.96 -30.23
CA ASP A 136 3.21 -4.38 -28.82
C ASP A 136 2.43 -3.45 -27.91
N GLY A 137 1.32 -3.90 -27.32
CA GLY A 137 0.50 -2.96 -26.53
C GLY A 137 1.00 -2.79 -25.12
N ILE A 138 2.27 -2.43 -24.95
CA ILE A 138 2.87 -2.26 -23.60
C ILE A 138 2.28 -1.04 -22.90
N GLN A 139 2.06 0.07 -23.62
CA GLN A 139 1.57 1.35 -23.02
C GLN A 139 2.72 2.07 -22.31
N GLN A 140 3.11 3.24 -22.83
CA GLN A 140 4.24 3.96 -22.26
C GLN A 140 3.77 5.38 -21.97
N ALA A 141 4.04 5.87 -20.76
CA ALA A 141 3.57 7.17 -20.31
C ALA A 141 4.72 8.15 -20.38
N LYS A 142 4.45 9.32 -20.97
CA LYS A 142 5.37 10.44 -20.99
C LYS A 142 4.96 11.34 -19.83
N VAL A 143 5.89 11.59 -18.91
CA VAL A 143 5.56 12.18 -17.63
C VAL A 143 6.57 13.31 -17.36
N GLN A 144 6.05 14.42 -16.76
CA GLN A 144 6.86 15.48 -16.19
C GLN A 144 7.09 15.08 -14.74
N ILE A 145 8.31 14.66 -14.39
CA ILE A 145 8.67 14.55 -12.98
C ILE A 145 8.26 15.84 -12.28
N LEU A 146 7.62 15.74 -11.12
CA LEU A 146 7.29 16.97 -10.36
C LEU A 146 8.42 17.21 -9.36
N PRO A 147 8.69 18.47 -8.97
CA PRO A 147 9.73 18.78 -7.98
C PRO A 147 9.38 18.44 -6.52
N GLU A 148 10.41 18.25 -5.69
CA GLU A 148 10.20 17.95 -4.25
C GLU A 148 9.98 19.24 -3.47
N ALA A 153 8.16 23.06 8.35
CA ALA A 153 6.97 23.18 9.23
C ALA A 153 6.99 22.13 10.34
N GLU A 154 7.93 22.22 11.31
CA GLU A 154 7.89 21.32 12.46
C GLU A 154 6.64 21.52 13.29
N THR A 155 5.97 22.65 13.14
CA THR A 155 4.73 22.89 13.83
C THR A 155 3.70 21.83 13.48
N LEU A 156 3.48 21.61 12.18
CA LEU A 156 2.37 20.75 11.75
C LEU A 156 2.70 19.28 12.03
N MET A 157 3.98 18.93 11.88
CA MET A 157 4.49 17.62 12.21
C MET A 157 4.06 17.25 13.60
N ASP A 158 4.46 18.07 14.59
CA ASP A 158 4.06 17.90 15.99
C ASP A 158 2.56 17.66 16.12
N ARG A 159 1.80 18.56 15.54
CA ARG A 159 0.36 18.43 15.65
C ARG A 159 -0.18 17.21 14.90
N ILE A 160 0.57 16.63 13.97
CA ILE A 160 0.16 15.31 13.45
C ILE A 160 0.76 14.19 14.28
N LYS A 161 2.07 14.22 14.55
CA LYS A 161 2.68 13.11 15.29
C LYS A 161 2.07 13.01 16.69
N LYS A 162 1.31 14.03 17.10
CA LYS A 162 0.52 13.94 18.32
C LYS A 162 -0.79 13.18 18.07
N GLN A 163 -1.70 13.76 17.29
CA GLN A 163 -2.98 13.14 17.04
C GLN A 163 -2.86 11.76 16.44
N LEU A 164 -1.65 11.36 16.01
CA LEU A 164 -1.36 9.96 15.77
C LEU A 164 -1.14 9.20 17.07
N ARG A 165 -0.48 9.84 18.03
CA ARG A 165 -0.38 9.25 19.38
C ARG A 165 -1.77 8.89 19.90
N GLU A 166 -2.75 9.76 19.69
CA GLU A 166 -4.08 9.51 20.21
C GLU A 166 -4.87 8.47 19.40
N TRP A 167 -4.25 7.80 18.43
CA TRP A 167 -4.91 6.73 17.69
C TRP A 167 -4.29 5.36 17.97
N ASP A 168 -2.96 5.35 18.09
CA ASP A 168 -2.20 4.15 18.49
C ASP A 168 -1.02 4.69 19.28
N GLU A 169 -0.94 4.37 20.57
CA GLU A 169 0.12 4.96 21.43
C GLU A 169 1.48 4.52 20.94
N ASN A 170 1.52 3.46 20.14
CA ASN A 170 2.81 2.94 19.63
C ASN A 170 3.48 4.00 18.77
N LEU A 171 2.71 4.75 17.99
CA LEU A 171 3.33 5.71 17.04
C LEU A 171 4.26 6.65 17.83
N ASP A 174 10.63 6.97 16.77
CA ASP A 174 11.41 5.84 16.21
C ASP A 174 10.68 5.28 14.99
N SER A 175 9.36 5.16 15.05
CA SER A 175 8.59 4.53 13.96
C SER A 175 8.19 5.59 12.92
N LEU A 176 8.58 6.85 13.12
CA LEU A 176 8.10 7.89 12.20
C LEU A 176 9.25 8.72 11.58
N PRO A 177 9.23 9.06 10.26
CA PRO A 177 10.32 9.78 9.62
C PRO A 177 10.43 11.20 10.12
N SER A 178 11.60 11.80 9.91
CA SER A 178 11.89 13.11 10.48
C SER A 178 11.90 14.26 9.48
N ASN A 179 12.19 13.97 8.21
CA ASN A 179 12.20 15.01 7.16
C ASN A 179 10.77 15.49 7.04
N PRO A 180 10.48 16.79 6.81
CA PRO A 180 9.11 17.21 6.56
C PRO A 180 8.62 16.55 5.25
N ILE A 181 9.51 16.40 4.26
CA ILE A 181 9.17 15.79 2.93
C ILE A 181 8.81 14.29 3.07
N ASP A 182 9.49 13.52 3.94
CA ASP A 182 9.19 12.10 4.08
C ASP A 182 8.02 11.83 5.02
N PHE A 183 7.94 12.57 6.12
CA PHE A 183 6.79 12.42 7.01
C PHE A 183 5.51 12.59 6.22
N SER A 184 5.45 13.62 5.36
CA SER A 184 4.21 13.92 4.67
C SER A 184 3.73 12.74 3.82
N TYR A 185 4.67 11.95 3.29
CA TYR A 185 4.34 10.79 2.48
C TYR A 185 3.96 9.61 3.37
N TRP A 186 4.75 9.31 4.39
CA TRP A 186 4.28 8.37 5.41
C TRP A 186 2.81 8.56 5.73
N VAL A 187 2.45 9.81 6.04
CA VAL A 187 1.05 10.10 6.40
C VAL A 187 0.12 9.88 5.21
N ALA A 188 0.61 10.16 4.00
CA ALA A 188 -0.25 10.06 2.83
C ALA A 188 -0.57 8.60 2.54
N ALA A 189 0.42 7.75 2.75
CA ALA A 189 0.24 6.34 2.53
C ALA A 189 -0.58 5.70 3.63
N ASN A 190 -0.55 6.22 4.86
CA ASN A 190 -1.13 5.45 5.95
C ASN A 190 -2.45 5.97 6.48
N LEU A 191 -3.00 6.89 5.87
CA LEU A 191 -4.28 7.39 6.35
C LEU A 191 -5.45 6.66 5.71
N PRO A 192 -6.50 6.25 6.50
CA PRO A 192 -7.69 5.64 5.88
C PRO A 192 -8.58 6.56 5.09
N ILE A 193 -8.17 7.00 3.92
CA ILE A 193 -8.90 8.06 3.22
C ILE A 193 -9.41 7.58 1.88
N ASP A 194 -10.47 8.27 1.40
CA ASP A 194 -10.87 8.12 0.03
C ASP A 194 -9.63 8.13 -0.85
N ASP A 195 -9.59 7.25 -1.83
CA ASP A 195 -8.66 7.42 -2.94
C ASP A 195 -8.76 8.84 -3.55
N SER A 196 -9.96 9.45 -3.51
CA SER A 196 -10.03 10.86 -3.90
C SER A 196 -9.05 11.68 -3.09
N LEU A 197 -8.90 11.36 -1.83
CA LEU A 197 -8.09 12.23 -0.98
C LEU A 197 -6.62 11.92 -1.19
N ARG A 198 -6.30 10.63 -1.27
CA ARG A 198 -4.97 10.21 -1.67
C ARG A 198 -4.46 11.01 -2.88
N ILE A 199 -5.30 11.18 -3.91
CA ILE A 199 -4.87 11.83 -5.13
C ILE A 199 -4.69 13.32 -4.86
N GLN A 200 -5.67 13.93 -4.20
CA GLN A 200 -5.48 15.29 -3.72
C GLN A 200 -4.12 15.46 -3.08
N LEU A 201 -3.62 14.43 -2.36
CA LEU A 201 -2.42 14.73 -1.58
C LEU A 201 -1.19 14.65 -2.45
N LEU A 202 -1.28 13.81 -3.50
CA LEU A 202 -0.16 13.62 -4.45
C LEU A 202 -0.06 14.86 -5.33
N LYS A 203 -1.20 15.49 -5.66
CA LYS A 203 -1.26 16.72 -6.50
C LYS A 203 -0.51 17.87 -5.81
N ILE A 204 -0.46 17.88 -4.46
CA ILE A 204 0.20 18.97 -3.69
C ILE A 204 1.69 18.96 -4.07
N ASP A 205 2.33 20.12 -4.26
CA ASP A 205 3.75 20.22 -4.71
C ASP A 205 4.66 20.66 -3.55
N SER A 206 4.13 20.82 -2.34
CA SER A 206 4.84 21.30 -1.17
C SER A 206 4.60 20.35 0.02
N ALA A 207 5.69 20.03 0.74
CA ALA A 207 5.57 19.30 1.99
C ALA A 207 4.71 20.07 3.00
N ILE A 208 5.02 21.36 3.31
CA ILE A 208 4.23 22.09 4.33
C ILE A 208 2.77 22.07 3.93
N GLN A 209 2.53 22.42 2.69
CA GLN A 209 1.15 22.38 2.24
C GLN A 209 0.59 20.96 2.35
N ARG A 210 1.43 19.93 2.15
CA ARG A 210 0.88 18.56 2.21
C ARG A 210 0.57 18.17 3.65
N LEU A 211 1.41 18.63 4.58
CA LEU A 211 1.19 18.39 6.04
C LEU A 211 -0.05 19.17 6.48
N ARG A 212 -0.41 20.29 5.82
CA ARG A 212 -1.57 21.07 6.28
C ARG A 212 -2.85 20.45 5.76
N CYS A 213 -2.79 19.81 4.60
CA CYS A 213 -4.01 19.12 4.17
C CYS A 213 -4.23 17.87 5.01
N GLU A 214 -3.13 17.22 5.45
CA GLU A 214 -3.25 15.97 6.19
C GLU A 214 -3.98 16.22 7.50
N LEU A 215 -3.43 17.11 8.35
CA LEU A 215 -4.09 17.47 9.60
C LEU A 215 -5.57 17.82 9.39
N ASP A 216 -5.89 18.53 8.30
CA ASP A 216 -7.30 18.82 8.00
C ASP A 216 -8.08 17.59 7.54
N ILE A 217 -7.39 16.55 7.11
CA ILE A 217 -8.07 15.30 6.76
C ILE A 217 -8.24 14.41 7.99
N MET A 218 -7.18 14.23 8.80
CA MET A 218 -7.35 13.49 10.04
C MET A 218 -8.39 14.14 10.92
N ASN A 219 -8.53 15.47 10.79
CA ASN A 219 -9.55 16.18 11.56
C ASN A 219 -10.94 15.68 11.18
N LYS A 220 -11.28 15.66 9.90
CA LYS A 220 -12.68 15.32 9.47
C LYS A 220 -12.90 13.82 9.27
N CYS A 221 -12.00 12.97 9.78
CA CYS A 221 -12.11 11.49 9.65
C CYS A 221 -13.21 10.96 10.57
N THR A 222 -13.73 9.75 10.34
CA THR A 222 -14.71 9.17 11.29
C THR A 222 -14.61 7.65 11.34
N SER A 223 -15.74 6.96 11.21
CA SER A 223 -15.79 5.47 11.17
C SER A 223 -15.71 5.02 9.71
N LEU A 224 -15.49 3.73 9.45
CA LEU A 224 -15.37 3.17 8.07
C LEU A 224 -16.47 2.14 7.82
N CYS A 225 -17.54 2.47 7.09
CA CYS A 225 -18.55 1.48 6.74
C CYS A 225 -18.09 0.66 5.51
N CYS A 226 -18.66 -0.54 5.40
CA CYS A 226 -18.39 -1.41 4.27
C CYS A 226 -18.95 -0.81 2.98
N LYS A 227 -18.21 -1.04 1.89
CA LYS A 227 -18.54 -0.40 0.61
C LYS A 227 -19.97 -0.73 0.19
N GLN A 228 -20.36 -2.01 0.32
CA GLN A 228 -21.46 -2.61 -0.42
C GLN A 228 -22.82 -2.15 0.06
N CYS A 229 -23.04 -2.14 1.39
CA CYS A 229 -24.32 -1.66 2.00
C CYS A 229 -24.18 -0.21 2.48
N GLN A 230 -22.97 0.25 2.84
CA GLN A 230 -22.69 1.66 3.28
C GLN A 230 -23.45 1.96 4.57
N GLU A 231 -23.79 0.94 5.36
CA GLU A 231 -24.66 1.11 6.56
C GLU A 231 -23.99 0.76 7.88
N THR A 232 -23.20 -0.32 7.98
CA THR A 232 -22.66 -0.78 9.26
C THR A 232 -21.26 -0.20 9.40
N GLU A 233 -21.03 0.57 10.46
CA GLU A 233 -19.64 0.88 10.84
C GLU A 233 -18.92 -0.45 11.10
N ILE A 234 -17.63 -0.49 10.77
CA ILE A 234 -16.90 -1.74 10.95
C ILE A 234 -15.73 -1.51 11.90
N THR A 235 -15.15 -0.30 11.87
CA THR A 235 -14.14 0.09 12.85
C THR A 235 -13.86 1.57 12.72
N THR A 236 -12.89 2.04 13.51
CA THR A 236 -12.65 3.47 13.59
C THR A 236 -11.16 3.78 13.64
N LYS A 237 -10.87 5.08 13.47
CA LYS A 237 -9.50 5.56 13.47
C LYS A 237 -8.78 5.22 14.75
N ASN A 238 -9.51 5.23 15.87
CA ASN A 238 -8.94 4.99 17.20
C ASN A 238 -8.41 3.55 17.35
N GLU A 239 -8.96 2.59 16.59
CA GLU A 239 -8.58 1.15 16.72
C GLU A 239 -7.29 0.87 15.93
N ILE A 240 -6.87 1.77 15.03
CA ILE A 240 -5.69 1.53 14.16
C ILE A 240 -4.46 1.32 15.03
N PHE A 241 -3.56 0.40 14.65
CA PHE A 241 -2.27 0.16 15.36
C PHE A 241 -1.26 -0.42 14.39
N SER A 242 0.04 -0.16 14.57
CA SER A 242 1.05 -0.63 13.63
C SER A 242 1.64 -1.96 14.06
N LEU A 243 1.71 -2.89 13.11
CA LEU A 243 2.47 -4.12 13.27
C LEU A 243 3.68 -4.16 12.37
N SER A 244 3.90 -3.10 11.57
CA SER A 244 5.04 -3.07 10.65
C SER A 244 5.78 -1.76 10.74
N ARG A 245 7.09 -1.81 10.46
CA ARG A 245 7.87 -0.59 10.52
C ARG A 245 7.40 0.38 9.43
N GLU A 246 7.03 -0.16 8.27
CA GLU A 246 6.61 0.71 7.16
C GLU A 246 5.29 1.41 7.51
N GLY A 247 4.40 0.71 8.21
CA GLY A 247 3.18 1.37 8.68
C GLY A 247 1.93 0.52 8.89
N PRO A 248 0.95 1.06 9.59
CA PRO A 248 -0.29 0.31 9.76
C PRO A 248 -0.95 -0.13 8.51
N MET A 249 -0.61 0.52 7.41
CA MET A 249 -1.22 0.31 6.11
C MET A 249 -0.14 -0.23 5.20
N ALA A 250 -0.51 -1.19 4.38
CA ALA A 250 0.50 -1.85 3.58
C ALA A 250 -0.20 -2.64 2.50
N ALA A 251 0.56 -2.80 1.42
CA ALA A 251 0.17 -3.60 0.29
C ALA A 251 0.73 -4.98 0.52
N TYR A 252 -0.13 -5.99 0.52
CA TYR A 252 0.31 -7.38 0.47
C TYR A 252 -0.38 -8.05 -0.70
N VAL A 253 0.29 -9.05 -1.25
CA VAL A 253 -0.19 -9.81 -2.41
C VAL A 253 -0.52 -11.23 -1.98
N ASN A 254 -1.63 -11.76 -2.53
CA ASN A 254 -2.04 -13.13 -2.35
C ASN A 254 -1.42 -14.08 -3.36
N PRO A 255 -1.72 -15.38 -3.29
CA PRO A 255 -1.09 -16.29 -4.26
C PRO A 255 -1.59 -16.13 -5.68
N HIS A 256 -2.85 -15.73 -5.89
CA HIS A 256 -3.37 -15.27 -7.18
C HIS A 256 -2.37 -14.34 -7.91
N GLY A 257 -1.76 -13.40 -7.19
CA GLY A 257 -1.14 -12.23 -7.76
C GLY A 257 -1.91 -10.91 -7.56
N TYR A 258 -2.97 -10.94 -6.79
CA TYR A 258 -3.74 -9.75 -6.51
C TYR A 258 -3.18 -9.01 -5.32
N VAL A 259 -3.09 -7.70 -5.46
CA VAL A 259 -2.43 -6.85 -4.48
C VAL A 259 -3.52 -6.23 -3.62
N HIS A 260 -3.47 -6.53 -2.32
CA HIS A 260 -4.40 -6.01 -1.31
C HIS A 260 -3.79 -4.89 -0.43
N GLU A 261 -4.62 -3.88 -0.12
CA GLU A 261 -4.19 -2.81 0.80
C GLU A 261 -4.81 -3.01 2.16
N ILE A 262 -3.98 -3.34 3.12
CA ILE A 262 -4.44 -3.94 4.38
C ILE A 262 -4.20 -2.93 5.49
N LEU A 263 -5.30 -2.45 6.10
CA LEU A 263 -5.23 -1.66 7.33
C LEU A 263 -5.45 -2.55 8.55
N THR A 264 -4.41 -2.69 9.40
CA THR A 264 -4.53 -3.39 10.68
C THR A 264 -5.23 -2.58 11.78
N VAL A 265 -6.07 -3.25 12.58
CA VAL A 265 -6.72 -2.68 13.75
C VAL A 265 -6.89 -3.74 14.86
N TYR A 266 -7.30 -3.26 16.06
CA TYR A 266 -7.43 -4.10 17.25
C TYR A 266 -8.83 -4.67 17.45
N LYS A 267 -9.83 -3.90 17.08
CA LYS A 267 -11.21 -4.24 17.38
C LYS A 267 -12.03 -3.79 16.19
N ALA A 268 -12.66 -4.72 15.51
CA ALA A 268 -13.62 -4.39 14.47
C ALA A 268 -14.95 -4.98 14.86
N CYS A 269 -16.00 -4.18 14.76
CA CYS A 269 -17.36 -4.59 15.08
C CYS A 269 -18.11 -5.04 13.83
N ASN A 270 -19.11 -5.91 14.03
CA ASN A 270 -20.04 -6.32 12.98
C ASN A 270 -19.36 -7.19 11.92
N LEU A 271 -18.45 -8.07 12.32
CA LEU A 271 -17.71 -8.92 11.38
C LEU A 271 -17.77 -10.39 11.77
N ASN A 272 -18.59 -11.16 11.06
CA ASN A 272 -18.55 -12.60 11.27
C ASN A 272 -17.29 -13.18 10.66
N LEU A 273 -17.05 -14.43 10.98
CA LEU A 273 -15.87 -15.13 10.53
C LEU A 273 -16.28 -16.38 9.76
N ILE A 274 -15.60 -16.64 8.65
CA ILE A 274 -15.89 -17.79 7.82
C ILE A 274 -14.66 -18.67 7.84
N GLY A 275 -14.79 -19.88 8.35
CA GLY A 275 -13.79 -20.91 8.14
C GLY A 275 -13.13 -21.33 9.42
N ARG A 276 -11.88 -21.71 9.33
CA ARG A 276 -11.17 -22.15 10.51
C ARG A 276 -9.74 -21.73 10.19
N PRO A 277 -9.02 -21.19 11.14
CA PRO A 277 -7.79 -20.46 10.84
C PRO A 277 -6.81 -21.22 9.97
N SER A 278 -6.07 -20.45 9.17
CA SER A 278 -4.99 -20.97 8.34
C SER A 278 -3.80 -20.02 8.35
N THR A 279 -2.64 -20.60 7.99
CA THR A 279 -1.38 -19.87 8.01
C THR A 279 -0.50 -20.08 6.77
N GLU A 280 -1.04 -20.71 5.72
CA GLU A 280 -0.40 -20.61 4.41
C GLU A 280 -0.22 -19.13 4.07
N HIS A 281 0.92 -18.79 3.47
CA HIS A 281 1.07 -17.50 2.81
C HIS A 281 0.69 -16.33 3.73
N SER A 282 0.79 -16.49 5.05
CA SER A 282 0.41 -15.40 5.91
C SER A 282 1.30 -14.18 5.66
N TRP A 283 0.69 -13.03 5.53
CA TRP A 283 1.47 -11.82 5.28
C TRP A 283 2.31 -11.42 6.48
N PHE A 284 1.78 -11.62 7.70
CA PHE A 284 2.46 -11.40 8.96
C PHE A 284 2.97 -12.73 9.52
N PRO A 285 4.26 -13.06 9.36
CA PRO A 285 4.79 -14.25 10.06
C PRO A 285 4.30 -14.35 11.49
N GLY A 286 4.14 -15.58 11.99
CA GLY A 286 3.73 -15.80 13.35
C GLY A 286 2.24 -15.87 13.56
N TYR A 287 1.42 -15.51 12.56
CA TYR A 287 -0.01 -15.34 12.76
C TYR A 287 -0.78 -16.16 11.73
N ALA A 288 -2.07 -16.31 12.02
CA ALA A 288 -2.95 -17.12 11.20
C ALA A 288 -4.13 -16.24 10.84
N TRP A 289 -4.79 -16.56 9.74
CA TRP A 289 -5.80 -15.65 9.21
C TRP A 289 -7.09 -16.43 9.08
N THR A 290 -8.17 -15.72 8.78
CA THR A 290 -9.47 -16.33 8.63
C THR A 290 -10.37 -15.28 7.99
N VAL A 291 -11.11 -15.63 6.98
CA VAL A 291 -11.86 -14.61 6.29
C VAL A 291 -12.90 -14.07 7.24
N ALA A 292 -13.17 -12.80 7.09
CA ALA A 292 -14.17 -12.13 7.89
C ALA A 292 -15.29 -11.74 6.94
N GLN A 293 -16.48 -11.52 7.50
CA GLN A 293 -17.58 -11.16 6.63
C GLN A 293 -18.50 -10.19 7.32
N CYS A 294 -18.66 -9.02 6.70
CA CYS A 294 -19.75 -8.11 6.98
C CYS A 294 -21.02 -8.90 7.21
N LYS A 295 -21.70 -8.70 8.34
CA LYS A 295 -23.01 -9.35 8.61
C LYS A 295 -24.13 -8.72 7.76
N ILE A 296 -24.07 -7.42 7.43
CA ILE A 296 -25.17 -6.70 6.74
C ILE A 296 -25.47 -7.22 5.33
N CYS A 297 -24.45 -7.43 4.46
CA CYS A 297 -24.64 -7.90 3.05
C CYS A 297 -23.82 -9.16 2.77
N ALA A 298 -23.02 -9.66 3.72
CA ALA A 298 -22.23 -10.92 3.64
C ALA A 298 -20.95 -10.77 2.79
N SER A 299 -20.59 -9.57 2.30
CA SER A 299 -19.41 -9.41 1.46
C SER A 299 -18.16 -9.55 2.32
N HIS A 300 -17.11 -10.12 1.74
CA HIS A 300 -15.89 -10.41 2.49
C HIS A 300 -15.16 -9.08 2.72
N ILE A 301 -14.82 -8.82 3.99
CA ILE A 301 -14.31 -7.49 4.34
C ILE A 301 -12.80 -7.56 4.56
N GLY A 302 -12.32 -8.68 5.07
CA GLY A 302 -10.89 -8.82 5.17
C GLY A 302 -10.60 -10.09 5.91
N TRP A 303 -9.53 -10.07 6.73
CA TRP A 303 -9.12 -11.18 7.57
C TRP A 303 -8.97 -10.84 9.07
N LYS A 304 -9.46 -11.72 9.96
CA LYS A 304 -9.17 -11.62 11.42
C LYS A 304 -7.92 -12.48 11.59
N PHE A 305 -7.03 -12.17 12.51
CA PHE A 305 -5.74 -12.87 12.69
C PHE A 305 -5.69 -13.52 14.08
N THR A 306 -4.76 -14.47 14.31
CA THR A 306 -4.60 -15.21 15.58
C THR A 306 -3.17 -15.77 15.67
N ALA A 307 -2.28 -15.24 16.54
CA ALA A 307 -0.86 -15.65 16.67
C ALA A 307 -0.75 -17.18 16.79
N THR A 308 0.30 -17.79 16.21
CA THR A 308 0.45 -19.24 16.25
C THR A 308 0.98 -19.75 17.59
N LYS A 309 1.20 -18.85 18.55
CA LYS A 309 1.83 -19.22 19.82
C LYS A 309 1.30 -18.33 20.94
N LYS A 310 1.07 -18.92 22.12
CA LYS A 310 0.51 -18.21 23.27
C LYS A 310 1.45 -17.15 23.86
N ASP A 311 2.69 -17.04 23.39
CA ASP A 311 3.64 -16.06 23.91
C ASP A 311 3.81 -14.83 23.02
N MET A 312 2.92 -14.67 22.03
CA MET A 312 2.99 -13.51 21.11
C MET A 312 1.87 -12.52 21.41
N SER A 313 2.08 -11.23 21.11
CA SER A 313 1.05 -10.19 21.38
C SER A 313 0.93 -9.27 20.15
N PRO A 314 -0.22 -8.59 19.90
CA PRO A 314 -1.52 -8.97 20.48
C PRO A 314 -2.02 -10.32 19.95
N GLN A 315 -2.79 -11.05 20.75
CA GLN A 315 -3.21 -12.42 20.32
C GLN A 315 -4.07 -12.34 19.05
N LYS A 316 -4.96 -11.34 18.94
CA LYS A 316 -5.88 -11.33 17.77
C LYS A 316 -6.11 -9.91 17.22
N PHE A 317 -5.82 -9.68 15.93
CA PHE A 317 -6.11 -8.41 15.29
C PHE A 317 -6.72 -8.67 13.93
N TRP A 318 -7.25 -7.61 13.35
CA TRP A 318 -7.88 -7.67 12.04
C TRP A 318 -6.98 -6.97 11.03
N GLY A 319 -6.93 -7.49 9.80
CA GLY A 319 -6.32 -6.83 8.66
C GLY A 319 -7.42 -6.68 7.61
N LEU A 320 -8.05 -5.54 7.58
CA LEU A 320 -9.14 -5.28 6.65
C LEU A 320 -8.58 -4.83 5.29
N THR A 321 -9.44 -4.89 4.27
CA THR A 321 -9.06 -4.37 2.97
C THR A 321 -9.59 -2.93 2.88
N ARG A 322 -8.73 -2.00 2.43
CA ARG A 322 -9.23 -0.69 2.04
C ARG A 322 -10.40 -0.85 1.07
N SER A 323 -10.27 -1.79 0.11
CA SER A 323 -11.17 -1.83 -1.04
C SER A 323 -12.63 -1.93 -0.60
N ALA A 324 -12.88 -2.64 0.49
CA ALA A 324 -14.22 -2.94 0.95
C ALA A 324 -14.85 -1.84 1.82
N LEU A 325 -14.12 -0.77 2.14
CA LEU A 325 -14.53 0.17 3.18
C LEU A 325 -14.74 1.54 2.58
N ILE A 326 -15.96 2.05 2.72
CA ILE A 326 -16.37 3.39 2.33
C ILE A 326 -16.52 4.20 3.63
N PRO A 327 -15.82 5.32 3.77
CA PRO A 327 -15.93 6.06 5.04
C PRO A 327 -17.34 6.60 5.20
N THR A 328 -17.73 6.80 6.44
CA THR A 328 -19.03 7.38 6.70
C THR A 328 -19.14 8.83 6.29
C1 LVY B . -4.20 -14.18 1.96
C2 LVY B . -4.85 -14.41 3.32
C3 LVY B . -4.20 -13.50 4.36
C4 LVY B . -2.71 -13.61 4.38
N5 LVY B . -2.12 -14.17 3.27
C6 LVY B . -2.68 -14.27 2.02
C7 LVY B . -6.07 -16.00 -0.67
C8 LVY B . -5.22 -17.01 -0.24
C9 LVY B . -4.31 -16.50 0.81
N10 LVY B . -4.75 -15.11 0.96
C11 LVY B . -5.74 -14.77 0.09
C12 LVY B . -7.10 -17.45 -2.22
C13 LVY B . -6.27 -18.48 -1.79
C14 LVY B . -5.31 -18.29 -0.80
C15 LVY B . -7.02 -16.19 -1.66
O16 LVY B . -6.24 -13.66 -0.02
N17 LVY B . -4.49 -19.30 -0.39
O18 LVY B . -1.98 -14.37 1.03
O19 LVY B . -2.03 -13.24 5.32
ZN ZN C . -22.06 -4.72 4.11
#